data_9DFZ
#
_entry.id   9DFZ
#
_cell.length_a   167.010
_cell.length_b   167.010
_cell.length_c   79.230
_cell.angle_alpha   90.000
_cell.angle_beta   90.000
_cell.angle_gamma   120.000
#
_symmetry.space_group_name_H-M   'H 3'
#
loop_
_entity.id
_entity.type
_entity.pdbx_description
1 polymer "DNA (5'-D(*CP*AP*GP*CP*AP*GP*CP*CP*TP*GP*AP*AP*TP*A)-3')"
2 polymer "DNA (5'-D(P*GP*GP*CP*TP*GP*C)-3')"
3 polymer 'DNA (60-MER)'
4 polymer "DNA (5'-D(*TP*GP*CP*GP*CP*TP*GP*T)-3')"
#
loop_
_entity_poly.entity_id
_entity_poly.type
_entity_poly.pdbx_seq_one_letter_code
_entity_poly.pdbx_strand_id
1 'polydeoxyribonucleotide' (DC)(DA)(DG)(DC)(DA)(DG)(DC)(DC)(DT)(DG)(DA)(DA)(DT)(DA) A
2 'polydeoxyribonucleotide' (DG)(DG)(DC)(DT)(DG)(DC) B
3 'polydeoxyribonucleotide'
;(DG)(DC)(DG)(DA)(DG)(DT)(DA)(DT)(DT)(DC)(DA)(DC)(DC)(DG)(DG)(DC)(DT)(DC)(DC)(DG)
(DC)(DG)(DG)(DA)(DC)(DA)(DA)(DC)(DT)(DT)(DT)(DT)(DG)(DT)(DT)(DG)(DT)(DC)(DC)(DG)
(DC)(DG)(DG)(DC)(DT)(DC)(DG)(DC)(DA)(DG)(DC)(DC)(DG)(DG)(DA)(DC)(DA)(DG)(DC)(DG)
;
C
4 'polydeoxyribonucleotide' (DT)(DG)(DC)(DG)(DC)(DT)(DG)(DT) E
#